data_4MM8
#
_entry.id   4MM8
#
_cell.length_a   85.613
_cell.length_b   87.812
_cell.length_c   80.770
_cell.angle_alpha   90.00
_cell.angle_beta   94.50
_cell.angle_gamma   90.00
#
_symmetry.space_group_name_H-M   'C 1 2 1'
#
loop_
_entity.id
_entity.type
_entity.pdbx_description
1 polymer Transporter
2 non-polymer 'SODIUM ION'
3 non-polymer (3R)-N-methyl-3-phenyl-3-[4-(trifluoromethyl)phenoxy]propan-1-amine
4 water water
#
_entity_poly.entity_id   1
_entity_poly.type   'polypeptide(L)'
_entity_poly.pdbx_seq_one_letter_code
;MEVKREHWATRLGLILAMAGYAVDLGNFLRFPVQAAENGGGAFMIPYIIAFLLVGIPLMWIEWAMGRYGGAQGHGTTPAI
FYLLWRNRFAKILGVFGLWIPLVVASYYVYIESWTLGFAIKFLVGLVPEPPPNATDPDSILRPFKEFLYSYIGVPKGDEP
ILKPSLFAYIVFLITMFINVSILIRGISKGIERFAKIAMPTLFILAVFLVIRVFLLETPNGTAADGLNFLWTPDFEKLKD
PGVWIAAVGQIFFSLGLGFGVLITFASYVRKDQDIVLSGLTAATLNEKASVILGGSISIPAAVAFFGVANAVAIAKAGAF
NLGFITLPAIFSQTAGGTFLGFLWFFLLFFAGLTSSIAGMQGMIAFLEDELKLSRKHAVLWTAAIVFFSAHLVMFLNKSL
DEMDFWATGIGVVFFGLTELIIFFWIFGADKAWEEINRGGIIKVPRIYYYVMRYITPAFLAVLLVVWAREYIPKIMEETH
WTVWITRFYIIGLFLFLTFLVFLAERRRNHESAGTLVPR
;
_entity_poly.pdbx_strand_id   A
#
# COMPACT_ATOMS: atom_id res chain seq x y z
N ARG A 5 26.58 7.70 1.72
CA ARG A 5 25.20 7.26 1.59
C ARG A 5 24.99 5.86 2.17
N GLU A 6 23.84 5.65 2.81
CA GLU A 6 23.50 4.37 3.44
C GLU A 6 23.15 3.33 2.37
N HIS A 7 23.23 2.05 2.76
CA HIS A 7 23.01 0.95 1.82
C HIS A 7 22.36 -0.25 2.50
N TRP A 8 21.69 -1.09 1.72
CA TRP A 8 21.17 -2.35 2.22
C TRP A 8 22.33 -3.26 2.57
N ALA A 9 22.22 -3.99 3.68
CA ALA A 9 23.31 -4.84 4.14
C ALA A 9 23.36 -6.14 3.35
N THR A 10 22.24 -6.85 3.32
CA THR A 10 22.15 -8.15 2.69
C THR A 10 21.13 -8.15 1.56
N ARG A 11 21.35 -8.99 0.57
CA ARG A 11 20.43 -9.13 -0.54
C ARG A 11 19.07 -9.59 -0.05
N LEU A 12 19.07 -10.45 0.96
CA LEU A 12 17.83 -10.94 1.55
C LEU A 12 17.07 -9.80 2.22
N GLY A 13 17.79 -9.00 3.00
CA GLY A 13 17.19 -7.88 3.69
C GLY A 13 16.54 -6.91 2.73
N LEU A 14 17.19 -6.67 1.60
CA LEU A 14 16.66 -5.80 0.55
C LEU A 14 15.31 -6.31 0.05
N ILE A 15 15.27 -7.60 -0.28
CA ILE A 15 14.06 -8.21 -0.82
C ILE A 15 12.95 -8.26 0.22
N LEU A 16 13.31 -8.53 1.47
CA LEU A 16 12.33 -8.60 2.54
C LEU A 16 11.74 -7.22 2.83
N ALA A 17 12.60 -6.20 2.81
CA ALA A 17 12.16 -4.82 2.98
C ALA A 17 11.25 -4.39 1.86
N MET A 18 11.64 -4.73 0.63
CA MET A 18 10.82 -4.51 -0.54
C MET A 18 9.49 -5.23 -0.40
N ALA A 19 9.56 -6.53 -0.09
CA ALA A 19 8.37 -7.35 0.06
C ALA A 19 7.53 -6.88 1.24
N GLY A 20 8.21 -6.38 2.28
CA GLY A 20 7.53 -5.81 3.43
C GLY A 20 6.71 -4.59 3.04
N TYR A 21 7.23 -3.82 2.09
CA TYR A 21 6.49 -2.69 1.57
C TYR A 21 5.28 -3.17 0.77
N ALA A 22 5.50 -4.05 -0.21
CA ALA A 22 4.42 -4.51 -1.08
C ALA A 22 3.28 -5.26 -0.35
N VAL A 23 3.63 -6.09 0.64
CA VAL A 23 2.60 -6.79 1.39
C VAL A 23 2.02 -5.90 2.49
N ASP A 24 0.82 -5.39 2.28
CA ASP A 24 0.11 -4.62 3.31
C ASP A 24 -1.22 -5.31 3.61
N LEU A 25 -2.24 -4.53 3.95
CA LEU A 25 -3.56 -5.08 4.21
C LEU A 25 -4.26 -5.43 2.88
N GLY A 26 -3.81 -4.81 1.80
CA GLY A 26 -4.41 -4.99 0.49
C GLY A 26 -4.35 -6.42 0.03
N ASN A 27 -3.26 -7.10 0.39
CA ASN A 27 -3.08 -8.51 0.05
C ASN A 27 -4.19 -9.38 0.66
N PHE A 28 -4.56 -9.08 1.90
CA PHE A 28 -5.48 -9.91 2.65
C PHE A 28 -6.94 -9.52 2.50
N LEU A 29 -7.19 -8.25 2.20
CA LEU A 29 -8.56 -7.74 2.20
C LEU A 29 -9.05 -7.22 0.85
N ARG A 30 -8.24 -6.38 0.19
CA ARG A 30 -8.67 -5.79 -1.07
C ARG A 30 -8.64 -6.78 -2.22
N PHE A 31 -7.54 -7.51 -2.32
CA PHE A 31 -7.38 -8.50 -3.40
C PHE A 31 -8.47 -9.58 -3.44
N PRO A 32 -8.77 -10.23 -2.29
CA PRO A 32 -9.86 -11.21 -2.32
C PRO A 32 -11.21 -10.65 -2.78
N VAL A 33 -11.55 -9.44 -2.36
CA VAL A 33 -12.82 -8.83 -2.73
C VAL A 33 -12.90 -8.55 -4.24
N GLN A 34 -11.83 -7.97 -4.78
CA GLN A 34 -11.76 -7.65 -6.20
C GLN A 34 -11.91 -8.89 -7.08
N ALA A 35 -11.28 -9.99 -6.66
CA ALA A 35 -11.35 -11.24 -7.41
C ALA A 35 -12.76 -11.80 -7.45
N ALA A 36 -13.41 -11.84 -6.28
CA ALA A 36 -14.75 -12.41 -6.16
C ALA A 36 -15.79 -11.65 -6.98
N GLU A 37 -15.60 -10.33 -7.10
CA GLU A 37 -16.54 -9.50 -7.82
C GLU A 37 -16.23 -9.42 -9.31
N ASN A 38 -15.10 -9.98 -9.71
CA ASN A 38 -14.69 -9.89 -11.10
C ASN A 38 -14.35 -11.23 -11.74
N GLY A 39 -15.21 -12.23 -11.53
CA GLY A 39 -15.07 -13.51 -12.19
C GLY A 39 -14.42 -14.60 -11.36
N GLY A 40 -14.17 -14.32 -10.08
CA GLY A 40 -13.58 -15.29 -9.19
C GLY A 40 -12.20 -15.73 -9.63
N GLY A 41 -12.12 -16.95 -10.16
CA GLY A 41 -10.87 -17.49 -10.65
C GLY A 41 -10.53 -16.96 -12.02
N ALA A 42 -11.56 -16.56 -12.77
CA ALA A 42 -11.36 -16.02 -14.12
C ALA A 42 -10.68 -14.66 -14.06
N PHE A 43 -10.71 -14.05 -12.87
CA PHE A 43 -10.06 -12.77 -12.63
C PHE A 43 -8.54 -12.91 -12.73
N MET A 44 -8.06 -14.14 -12.63
CA MET A 44 -6.64 -14.42 -12.73
C MET A 44 -6.09 -14.19 -14.12
N ILE A 45 -6.96 -14.24 -15.13
CA ILE A 45 -6.52 -14.01 -16.50
C ILE A 45 -6.10 -12.55 -16.76
N PRO A 46 -6.97 -11.58 -16.44
CA PRO A 46 -6.50 -10.20 -16.65
C PRO A 46 -5.47 -9.76 -15.60
N TYR A 47 -5.53 -10.37 -14.41
CA TYR A 47 -4.60 -10.03 -13.35
C TYR A 47 -3.17 -10.44 -13.71
N ILE A 48 -3.00 -11.68 -14.13
CA ILE A 48 -1.70 -12.18 -14.53
C ILE A 48 -1.16 -11.40 -15.73
N ILE A 49 -2.02 -11.13 -16.70
CA ILE A 49 -1.66 -10.33 -17.87
C ILE A 49 -1.15 -8.93 -17.50
N ALA A 50 -1.86 -8.26 -16.60
CA ALA A 50 -1.44 -6.95 -16.13
C ALA A 50 -0.17 -7.04 -15.30
N PHE A 51 0.07 -8.18 -14.68
CA PHE A 51 1.27 -8.38 -13.88
C PHE A 51 2.49 -8.49 -14.78
N LEU A 52 2.27 -8.90 -16.02
CA LEU A 52 3.35 -9.10 -16.98
C LEU A 52 3.57 -7.86 -17.84
N LEU A 53 2.48 -7.22 -18.24
CA LEU A 53 2.55 -6.08 -19.13
C LEU A 53 2.71 -4.75 -18.39
N VAL A 54 2.25 -4.69 -17.15
CA VAL A 54 2.26 -3.43 -16.42
C VAL A 54 3.10 -3.46 -15.14
N GLY A 55 2.77 -4.40 -14.25
CA GLY A 55 3.42 -4.46 -12.95
C GLY A 55 4.91 -4.71 -13.00
N ILE A 56 5.28 -5.82 -13.60
CA ILE A 56 6.69 -6.21 -13.74
C ILE A 56 7.57 -5.20 -14.52
N PRO A 57 7.09 -4.69 -15.67
CA PRO A 57 7.89 -3.65 -16.34
C PRO A 57 8.08 -2.41 -15.47
N LEU A 58 7.01 -1.91 -14.86
CA LEU A 58 7.07 -0.69 -14.07
C LEU A 58 7.93 -0.83 -12.82
N MET A 59 7.99 -2.04 -12.28
CA MET A 59 8.80 -2.29 -11.09
C MET A 59 10.29 -2.19 -11.39
N TRP A 60 10.69 -2.77 -12.51
CA TRP A 60 12.09 -2.74 -12.92
C TRP A 60 12.55 -1.33 -13.21
N ILE A 61 11.65 -0.51 -13.72
CA ILE A 61 11.95 0.89 -14.03
C ILE A 61 12.23 1.71 -12.79
N GLU A 62 11.30 1.66 -11.82
CA GLU A 62 11.49 2.36 -10.56
C GLU A 62 12.74 1.87 -9.82
N TRP A 63 13.01 0.57 -9.90
CA TRP A 63 14.23 0.00 -9.34
C TRP A 63 15.44 0.60 -10.05
N ALA A 64 15.31 0.78 -11.37
CA ALA A 64 16.40 1.31 -12.18
C ALA A 64 16.65 2.77 -11.86
N MET A 65 15.59 3.57 -11.88
CA MET A 65 15.66 4.99 -11.57
C MET A 65 16.24 5.22 -10.19
N GLY A 66 15.77 4.44 -9.23
CA GLY A 66 16.23 4.55 -7.85
C GLY A 66 17.72 4.33 -7.75
N ARG A 67 18.20 3.21 -8.26
CA ARG A 67 19.61 2.88 -8.20
C ARG A 67 20.45 3.89 -8.98
N TYR A 68 19.93 4.31 -10.13
CA TYR A 68 20.61 5.32 -10.95
C TYR A 68 20.82 6.60 -10.15
N GLY A 69 19.76 7.10 -9.55
CA GLY A 69 19.82 8.32 -8.77
C GLY A 69 20.57 8.13 -7.46
N GLY A 70 20.42 6.97 -6.84
CA GLY A 70 21.06 6.70 -5.56
C GLY A 70 22.58 6.67 -5.66
N ALA A 71 23.07 6.41 -6.87
CA ALA A 71 24.51 6.39 -7.12
C ALA A 71 25.06 7.79 -7.07
N GLN A 72 24.19 8.77 -7.30
CA GLN A 72 24.57 10.19 -7.36
C GLN A 72 24.01 10.96 -6.17
N GLY A 73 23.75 10.26 -5.08
CA GLY A 73 23.33 10.88 -3.83
C GLY A 73 21.92 11.44 -3.83
N HIS A 74 21.08 10.97 -4.75
CA HIS A 74 19.70 11.43 -4.82
C HIS A 74 18.69 10.30 -4.90
N GLY A 75 17.91 10.12 -3.84
CA GLY A 75 16.95 9.04 -3.78
C GLY A 75 15.52 9.45 -4.09
N THR A 76 15.29 10.75 -4.23
CA THR A 76 13.94 11.28 -4.41
C THR A 76 13.66 11.71 -5.85
N THR A 77 12.39 11.71 -6.24
CA THR A 77 12.01 12.04 -7.61
C THR A 77 12.24 13.49 -8.11
N PRO A 78 12.11 14.50 -7.22
CA PRO A 78 12.44 15.86 -7.69
C PRO A 78 13.86 15.95 -8.24
N ALA A 79 14.83 15.40 -7.50
CA ALA A 79 16.21 15.35 -7.95
C ALA A 79 16.39 14.40 -9.13
N ILE A 80 15.92 13.17 -8.97
CA ILE A 80 16.09 12.12 -9.97
C ILE A 80 15.49 12.50 -11.34
N PHE A 81 14.30 13.07 -11.35
CA PHE A 81 13.68 13.51 -12.61
C PHE A 81 14.50 14.61 -13.27
N TYR A 82 15.28 15.33 -12.47
CA TYR A 82 16.13 16.38 -13.01
C TYR A 82 17.39 15.78 -13.60
N LEU A 83 17.70 14.56 -13.18
CA LEU A 83 18.86 13.85 -13.70
C LEU A 83 18.52 13.15 -15.01
N LEU A 84 17.33 12.56 -15.07
CA LEU A 84 16.85 11.91 -16.27
C LEU A 84 16.46 12.95 -17.31
N TRP A 85 16.03 14.11 -16.83
CA TRP A 85 15.58 15.20 -17.68
C TRP A 85 15.97 16.52 -17.05
N ARG A 86 17.01 17.14 -17.58
CA ARG A 86 17.47 18.44 -17.09
C ARG A 86 16.51 19.54 -17.48
N ASN A 87 15.50 19.77 -16.63
CA ASN A 87 14.42 20.70 -16.92
C ASN A 87 13.75 21.14 -15.63
N ARG A 88 13.11 22.31 -15.67
CA ARG A 88 12.39 22.82 -14.51
C ARG A 88 11.09 22.04 -14.27
N PHE A 89 10.43 21.66 -15.35
CA PHE A 89 9.16 20.93 -15.26
C PHE A 89 9.40 19.54 -14.66
N ALA A 90 10.62 19.04 -14.84
CA ALA A 90 11.00 17.73 -14.30
C ALA A 90 11.04 17.76 -12.77
N LYS A 91 11.64 18.80 -12.20
CA LYS A 91 11.66 18.97 -10.76
C LYS A 91 10.24 19.16 -10.22
N ILE A 92 9.38 19.78 -11.02
CA ILE A 92 7.99 20.04 -10.61
C ILE A 92 7.18 18.76 -10.59
N LEU A 93 7.32 17.96 -11.66
CA LEU A 93 6.64 16.67 -11.74
C LEU A 93 7.18 15.72 -10.68
N GLY A 94 8.47 15.89 -10.36
CA GLY A 94 9.12 15.09 -9.35
C GLY A 94 8.56 15.33 -7.97
N VAL A 95 7.99 16.52 -7.76
CA VAL A 95 7.38 16.86 -6.48
C VAL A 95 6.28 15.87 -6.10
N PHE A 96 5.46 15.49 -7.08
CA PHE A 96 4.38 14.52 -6.88
C PHE A 96 4.84 13.27 -6.14
N GLY A 97 5.97 12.70 -6.56
CA GLY A 97 6.51 11.49 -5.96
C GLY A 97 7.16 11.74 -4.61
N LEU A 98 6.89 12.90 -4.04
CA LEU A 98 7.29 13.23 -2.68
C LEU A 98 5.99 13.59 -1.99
N TRP A 99 5.03 13.99 -2.80
CA TRP A 99 3.73 14.42 -2.32
C TRP A 99 2.82 13.22 -2.04
N ILE A 100 2.77 12.27 -2.96
CA ILE A 100 1.88 11.11 -2.83
C ILE A 100 2.09 10.27 -1.56
N PRO A 101 3.33 9.79 -1.31
CA PRO A 101 3.50 9.00 -0.08
C PRO A 101 3.29 9.83 1.19
N LEU A 102 3.36 11.15 1.06
CA LEU A 102 3.18 12.03 2.20
C LEU A 102 1.71 12.28 2.48
N VAL A 103 0.88 12.17 1.45
CA VAL A 103 -0.56 12.31 1.62
C VAL A 103 -1.13 11.01 2.18
N VAL A 104 -0.63 9.89 1.65
CA VAL A 104 -1.08 8.57 2.09
C VAL A 104 -0.74 8.34 3.57
N ALA A 105 0.46 8.75 3.96
CA ALA A 105 0.90 8.61 5.35
C ALA A 105 0.00 9.37 6.32
N SER A 106 -0.72 10.35 5.79
CA SER A 106 -1.58 11.19 6.62
C SER A 106 -2.81 10.44 7.11
N TYR A 107 -3.10 9.30 6.48
CA TYR A 107 -4.22 8.49 6.91
C TYR A 107 -3.86 7.00 7.06
N TYR A 108 -2.86 6.55 6.31
CA TYR A 108 -2.47 5.15 6.36
C TYR A 108 -1.99 4.74 7.75
N VAL A 109 -0.99 5.46 8.25
CA VAL A 109 -0.50 5.24 9.61
C VAL A 109 -1.63 5.25 10.64
N TYR A 110 -2.61 6.12 10.44
CA TYR A 110 -3.77 6.18 11.32
C TYR A 110 -4.56 4.88 11.27
N ILE A 111 -4.93 4.44 10.08
CA ILE A 111 -5.64 3.18 9.89
C ILE A 111 -4.80 2.02 10.47
N GLU A 112 -3.49 2.16 10.34
CA GLU A 112 -2.54 1.22 10.92
C GLU A 112 -2.62 1.22 12.44
N SER A 113 -2.91 2.38 13.03
CA SER A 113 -3.08 2.44 14.48
C SER A 113 -4.33 1.67 14.93
N TRP A 114 -5.35 1.64 14.08
CA TRP A 114 -6.60 0.94 14.38
C TRP A 114 -6.34 -0.53 14.66
N THR A 115 -5.62 -1.16 13.74
CA THR A 115 -5.26 -2.57 13.86
C THR A 115 -4.51 -2.80 15.17
N LEU A 116 -3.56 -1.92 15.47
CA LEU A 116 -2.83 -2.00 16.73
C LEU A 116 -3.80 -1.86 17.90
N GLY A 117 -4.67 -0.86 17.83
CA GLY A 117 -5.66 -0.63 18.85
C GLY A 117 -6.60 -1.81 19.05
N PHE A 118 -7.16 -2.31 17.95
CA PHE A 118 -8.04 -3.47 18.00
C PHE A 118 -7.31 -4.70 18.52
N ALA A 119 -6.07 -4.88 18.08
CA ALA A 119 -5.25 -6.00 18.55
C ALA A 119 -5.05 -5.92 20.05
N ILE A 120 -4.94 -4.71 20.58
CA ILE A 120 -4.81 -4.53 22.01
C ILE A 120 -6.14 -4.84 22.71
N LYS A 121 -7.23 -4.31 22.16
CA LYS A 121 -8.57 -4.55 22.70
C LYS A 121 -8.93 -6.04 22.66
N PHE A 122 -8.52 -6.74 21.60
CA PHE A 122 -8.83 -8.16 21.47
C PHE A 122 -8.03 -9.03 22.43
N LEU A 123 -6.76 -8.69 22.63
CA LEU A 123 -5.89 -9.46 23.51
C LEU A 123 -6.35 -9.40 24.96
N VAL A 124 -6.70 -8.21 25.43
CA VAL A 124 -7.14 -8.01 26.80
C VAL A 124 -8.62 -8.35 26.97
N GLY A 125 -9.27 -8.69 25.87
CA GLY A 125 -10.65 -9.16 25.91
C GLY A 125 -11.70 -8.07 25.93
N LEU A 126 -11.29 -6.83 25.71
CA LEU A 126 -12.21 -5.71 25.67
C LEU A 126 -12.95 -5.64 24.34
N VAL A 127 -13.68 -6.70 24.00
CA VAL A 127 -14.43 -6.77 22.76
C VAL A 127 -15.89 -7.08 23.04
N PRO A 128 -16.81 -6.65 22.14
CA PRO A 128 -18.24 -6.93 22.32
C PRO A 128 -18.50 -8.43 22.33
N GLU A 129 -19.53 -8.84 23.05
CA GLU A 129 -19.86 -10.25 23.14
C GLU A 129 -21.35 -10.50 22.87
N PRO A 130 -21.70 -10.68 21.58
CA PRO A 130 -23.06 -10.99 21.15
C PRO A 130 -23.40 -12.46 21.42
N PRO A 131 -24.69 -12.81 21.49
CA PRO A 131 -25.89 -11.98 21.30
C PRO A 131 -26.12 -11.00 22.46
N THR A 135 -27.52 -16.31 16.54
CA THR A 135 -28.92 -16.06 16.22
C THR A 135 -29.07 -15.60 14.77
N ASP A 136 -28.97 -14.29 14.54
CA ASP A 136 -29.12 -13.70 13.21
C ASP A 136 -27.96 -12.75 12.89
N PRO A 137 -27.57 -12.65 11.61
CA PRO A 137 -26.36 -11.94 11.17
C PRO A 137 -26.28 -10.48 11.61
N ASP A 138 -27.37 -9.75 11.48
CA ASP A 138 -27.37 -8.35 11.87
C ASP A 138 -27.28 -8.22 13.38
N SER A 139 -27.59 -9.30 14.09
CA SER A 139 -27.51 -9.32 15.54
C SER A 139 -26.11 -9.69 16.03
N ILE A 140 -25.23 -10.04 15.09
CA ILE A 140 -23.84 -10.35 15.44
C ILE A 140 -22.91 -9.26 14.92
N LEU A 141 -23.27 -8.69 13.76
CA LEU A 141 -22.45 -7.68 13.11
C LEU A 141 -22.57 -6.31 13.78
N ARG A 142 -23.80 -5.92 14.12
CA ARG A 142 -24.08 -4.62 14.72
C ARG A 142 -23.26 -4.28 15.99
N PRO A 143 -23.11 -5.25 16.91
CA PRO A 143 -22.25 -4.95 18.06
C PRO A 143 -20.81 -4.62 17.66
N PHE A 144 -20.36 -5.15 16.52
CA PHE A 144 -19.02 -4.85 16.04
C PHE A 144 -18.99 -3.66 15.10
N LYS A 145 -20.15 -3.37 14.51
CA LYS A 145 -20.31 -2.16 13.71
C LYS A 145 -20.22 -0.95 14.64
N GLU A 146 -20.90 -1.05 15.78
CA GLU A 146 -20.88 0.02 16.77
C GLU A 146 -19.54 0.06 17.51
N PHE A 147 -18.88 -1.09 17.60
CA PHE A 147 -17.59 -1.19 18.27
C PHE A 147 -16.51 -0.45 17.49
N LEU A 148 -16.57 -0.56 16.17
CA LEU A 148 -15.62 0.13 15.29
C LEU A 148 -15.91 1.63 15.21
N TYR A 149 -17.21 1.98 15.20
CA TYR A 149 -17.62 3.37 15.05
C TYR A 149 -17.25 4.22 16.27
N SER A 150 -17.30 3.60 17.45
CA SER A 150 -16.91 4.29 18.67
C SER A 150 -15.41 4.57 18.66
N TYR A 151 -14.65 3.65 18.07
CA TYR A 151 -13.20 3.79 17.96
C TYR A 151 -12.84 4.95 17.03
N ILE A 152 -13.39 4.91 15.82
CA ILE A 152 -13.16 5.98 14.84
C ILE A 152 -13.80 7.29 15.29
N GLY A 153 -14.98 7.19 15.89
CA GLY A 153 -15.75 8.35 16.24
C GLY A 153 -16.63 8.79 15.09
N VAL A 154 -17.12 7.79 14.34
CA VAL A 154 -18.01 8.01 13.21
C VAL A 154 -19.20 8.89 13.60
N PRO A 155 -19.46 9.96 12.82
CA PRO A 155 -20.48 10.97 13.14
C PRO A 155 -21.88 10.38 13.32
N LYS A 156 -22.47 10.64 14.48
CA LYS A 156 -23.83 10.19 14.74
C LYS A 156 -24.84 11.23 14.24
N GLY A 157 -24.42 12.49 14.17
CA GLY A 157 -25.28 13.56 13.71
C GLY A 157 -25.08 13.90 12.25
N ASP A 158 -25.52 15.09 11.86
CA ASP A 158 -25.38 15.55 10.48
C ASP A 158 -24.00 16.14 10.25
N GLU A 159 -23.33 16.53 11.33
CA GLU A 159 -22.01 17.13 11.25
C GLU A 159 -21.00 16.15 10.67
N PRO A 160 -20.10 16.63 9.80
CA PRO A 160 -19.02 15.82 9.24
C PRO A 160 -17.84 15.82 10.19
N ILE A 161 -18.11 15.57 11.46
CA ILE A 161 -17.09 15.59 12.50
C ILE A 161 -16.88 14.23 13.14
N LEU A 162 -15.65 13.75 13.10
CA LEU A 162 -15.28 12.53 13.79
C LEU A 162 -14.89 12.87 15.23
N LYS A 163 -15.09 11.92 16.14
CA LYS A 163 -14.62 12.07 17.50
C LYS A 163 -14.02 10.76 18.01
N PRO A 164 -12.76 10.49 17.60
CA PRO A 164 -12.05 9.27 17.97
C PRO A 164 -11.91 9.16 19.48
N SER A 165 -11.97 7.94 20.01
CA SER A 165 -11.81 7.72 21.44
C SER A 165 -10.41 8.13 21.87
N LEU A 166 -10.26 8.46 23.16
CA LEU A 166 -8.96 8.80 23.72
C LEU A 166 -7.98 7.65 23.49
N PHE A 167 -8.47 6.41 23.62
CA PHE A 167 -7.65 5.22 23.42
C PHE A 167 -7.11 5.17 21.99
N ALA A 168 -8.00 5.38 21.01
CA ALA A 168 -7.64 5.38 19.60
C ALA A 168 -6.53 6.39 19.30
N TYR A 169 -6.63 7.57 19.92
CA TYR A 169 -5.65 8.62 19.74
C TYR A 169 -4.31 8.24 20.36
N ILE A 170 -4.34 7.72 21.58
CA ILE A 170 -3.13 7.32 22.30
C ILE A 170 -2.35 6.23 21.55
N VAL A 171 -3.08 5.26 21.00
CA VAL A 171 -2.51 4.22 20.15
C VAL A 171 -1.87 4.84 18.91
N PHE A 172 -2.51 5.88 18.39
CA PHE A 172 -1.99 6.57 17.22
C PHE A 172 -0.67 7.24 17.51
N LEU A 173 -0.54 7.77 18.73
CA LEU A 173 0.73 8.34 19.17
C LEU A 173 1.77 7.24 19.30
N ILE A 174 1.37 6.14 19.93
CA ILE A 174 2.22 4.98 20.08
C ILE A 174 2.64 4.48 18.70
N THR A 175 1.67 4.29 17.81
CA THR A 175 1.92 3.82 16.46
C THR A 175 2.96 4.68 15.75
N MET A 176 2.77 5.99 15.80
CA MET A 176 3.74 6.95 15.27
C MET A 176 5.10 6.72 15.89
N PHE A 177 5.13 6.67 17.22
CA PHE A 177 6.35 6.42 17.95
C PHE A 177 7.02 5.11 17.52
N ILE A 178 6.23 4.08 17.25
CA ILE A 178 6.77 2.81 16.76
C ILE A 178 7.44 2.98 15.40
N ASN A 179 6.77 3.70 14.50
CA ASN A 179 7.31 3.98 13.18
C ASN A 179 8.63 4.74 13.25
N VAL A 180 8.69 5.70 14.17
CA VAL A 180 9.87 6.52 14.34
C VAL A 180 11.02 5.67 14.89
N SER A 181 10.71 4.78 15.82
CA SER A 181 11.71 3.95 16.48
C SER A 181 12.49 3.11 15.47
N ILE A 182 11.79 2.64 14.44
CA ILE A 182 12.40 1.81 13.41
C ILE A 182 13.15 2.68 12.40
N LEU A 183 12.56 3.81 12.06
CA LEU A 183 13.10 4.66 11.01
C LEU A 183 14.34 5.44 11.46
N ILE A 184 14.43 5.70 12.75
CA ILE A 184 15.51 6.54 13.28
C ILE A 184 16.82 5.74 13.39
N ARG A 185 16.74 4.43 13.16
CA ARG A 185 17.91 3.56 13.20
C ARG A 185 18.54 3.36 11.82
N GLY A 186 17.92 3.93 10.80
CA GLY A 186 18.47 3.90 9.46
C GLY A 186 17.90 2.83 8.56
N ILE A 187 18.55 2.65 7.41
CA ILE A 187 18.12 1.68 6.41
C ILE A 187 18.46 0.26 6.82
N SER A 188 19.74 0.00 7.05
CA SER A 188 20.20 -1.33 7.42
C SER A 188 19.74 -1.74 8.82
N LYS A 189 20.07 -0.94 9.82
CA LYS A 189 19.80 -1.30 11.21
C LYS A 189 18.37 -1.00 11.64
N GLY A 190 17.56 -0.46 10.72
CA GLY A 190 16.20 -0.10 11.03
C GLY A 190 15.18 -0.84 10.18
N ILE A 191 15.02 -0.39 8.94
CA ILE A 191 14.05 -0.99 8.04
C ILE A 191 14.40 -2.43 7.72
N GLU A 192 15.65 -2.66 7.31
CA GLU A 192 16.11 -3.99 6.95
C GLU A 192 16.06 -4.96 8.12
N ARG A 193 16.58 -4.53 9.27
CA ARG A 193 16.59 -5.37 10.47
C ARG A 193 15.18 -5.75 10.88
N PHE A 194 14.24 -4.82 10.70
CA PHE A 194 12.84 -5.06 11.03
C PHE A 194 12.17 -5.93 9.97
N ALA A 195 12.57 -5.74 8.71
CA ALA A 195 12.02 -6.53 7.61
C ALA A 195 12.38 -8.00 7.79
N LYS A 196 13.54 -8.24 8.41
CA LYS A 196 14.02 -9.59 8.65
C LYS A 196 13.28 -10.28 9.79
N ILE A 197 12.55 -9.49 10.57
CA ILE A 197 11.77 -10.02 11.68
C ILE A 197 10.29 -10.07 11.32
N ALA A 198 9.79 -8.97 10.76
CA ALA A 198 8.37 -8.84 10.48
C ALA A 198 7.86 -9.82 9.42
N MET A 199 8.62 -9.95 8.33
CA MET A 199 8.25 -10.85 7.23
C MET A 199 8.12 -12.33 7.64
N PRO A 200 9.07 -12.85 8.44
CA PRO A 200 8.83 -14.22 8.92
C PRO A 200 7.68 -14.25 9.92
N THR A 201 7.61 -13.26 10.81
CA THR A 201 6.50 -13.14 11.75
C THR A 201 5.18 -13.09 11.01
N LEU A 202 5.17 -12.37 9.89
CA LEU A 202 3.99 -12.24 9.06
C LEU A 202 3.56 -13.59 8.51
N PHE A 203 4.52 -14.32 7.96
CA PHE A 203 4.26 -15.62 7.33
C PHE A 203 3.64 -16.63 8.29
N ILE A 204 4.25 -16.76 9.46
CA ILE A 204 3.76 -17.66 10.51
C ILE A 204 2.32 -17.35 10.90
N LEU A 205 2.05 -16.06 11.14
CA LEU A 205 0.72 -15.61 11.50
C LEU A 205 -0.29 -15.89 10.38
N ALA A 206 0.15 -15.70 9.14
CA ALA A 206 -0.71 -15.99 8.00
C ALA A 206 -1.02 -17.48 7.94
N VAL A 207 0.02 -18.31 7.95
CA VAL A 207 -0.13 -19.76 7.90
C VAL A 207 -1.02 -20.28 9.02
N PHE A 208 -0.77 -19.79 10.24
CA PHE A 208 -1.54 -20.22 11.39
C PHE A 208 -3.03 -19.92 11.23
N LEU A 209 -3.34 -18.80 10.59
CA LEU A 209 -4.74 -18.44 10.34
C LEU A 209 -5.33 -19.28 9.22
N VAL A 210 -4.57 -19.45 8.14
CA VAL A 210 -4.98 -20.28 7.01
C VAL A 210 -5.38 -21.67 7.49
N ILE A 211 -4.54 -22.24 8.35
CA ILE A 211 -4.83 -23.53 8.95
C ILE A 211 -6.13 -23.47 9.75
N ARG A 212 -6.23 -22.48 10.64
CA ARG A 212 -7.36 -22.33 11.53
C ARG A 212 -8.67 -22.04 10.80
N VAL A 213 -8.57 -21.28 9.70
CA VAL A 213 -9.74 -20.92 8.91
C VAL A 213 -10.31 -22.15 8.22
N PHE A 214 -9.42 -23.00 7.72
CA PHE A 214 -9.84 -24.22 7.03
C PHE A 214 -10.56 -25.18 7.98
N LEU A 215 -10.24 -25.06 9.28
CA LEU A 215 -10.85 -25.92 10.29
C LEU A 215 -12.19 -25.37 10.79
N LEU A 216 -12.69 -24.32 10.15
CA LEU A 216 -13.96 -23.74 10.55
C LEU A 216 -15.13 -24.53 9.98
N GLU A 217 -16.08 -24.84 10.84
CA GLU A 217 -17.28 -25.57 10.43
C GLU A 217 -18.51 -25.07 11.16
N THR A 218 -19.41 -24.41 10.44
CA THR A 218 -20.66 -23.93 11.00
C THR A 218 -21.82 -24.56 10.26
N PRO A 219 -23.03 -24.50 10.85
CA PRO A 219 -24.25 -24.96 10.15
C PRO A 219 -24.48 -24.28 8.80
N ASN A 220 -23.83 -23.15 8.57
CA ASN A 220 -24.02 -22.41 7.34
C ASN A 220 -23.02 -22.78 6.22
N GLY A 221 -21.99 -23.53 6.57
CA GLY A 221 -21.01 -23.96 5.59
C GLY A 221 -19.62 -24.22 6.14
N THR A 222 -18.64 -24.32 5.25
CA THR A 222 -17.25 -24.55 5.63
C THR A 222 -16.30 -23.65 4.85
N ALA A 223 -15.01 -23.75 5.16
CA ALA A 223 -14.00 -22.94 4.49
C ALA A 223 -13.77 -23.42 3.04
N ALA A 224 -14.14 -24.67 2.79
CA ALA A 224 -14.07 -25.20 1.43
C ALA A 224 -15.06 -24.44 0.54
N ASP A 225 -16.23 -24.17 1.08
CA ASP A 225 -17.24 -23.40 0.36
C ASP A 225 -16.72 -22.01 0.07
N GLY A 226 -15.87 -21.49 0.96
CA GLY A 226 -15.29 -20.17 0.79
C GLY A 226 -14.27 -20.12 -0.33
N LEU A 227 -13.37 -21.11 -0.36
CA LEU A 227 -12.39 -21.22 -1.43
C LEU A 227 -13.06 -21.61 -2.74
N ASN A 228 -14.15 -22.36 -2.64
CA ASN A 228 -14.92 -22.75 -3.82
C ASN A 228 -15.51 -21.53 -4.52
N PHE A 229 -16.32 -20.77 -3.79
CA PHE A 229 -16.94 -19.56 -4.32
C PHE A 229 -15.92 -18.58 -4.86
N LEU A 230 -14.82 -18.43 -4.13
CA LEU A 230 -13.81 -17.43 -4.46
C LEU A 230 -13.04 -17.77 -5.73
N TRP A 231 -12.82 -19.06 -5.97
CA TRP A 231 -11.95 -19.48 -7.06
C TRP A 231 -12.67 -20.08 -8.27
N THR A 232 -13.96 -20.38 -8.13
CA THR A 232 -14.75 -20.86 -9.26
C THR A 232 -14.85 -19.78 -10.33
N PRO A 233 -14.25 -20.04 -11.50
CA PRO A 233 -14.10 -19.06 -12.59
C PRO A 233 -15.42 -18.68 -13.27
N ASP A 234 -15.63 -17.38 -13.46
CA ASP A 234 -16.80 -16.87 -14.18
C ASP A 234 -16.33 -16.11 -15.42
N PHE A 235 -15.98 -16.85 -16.47
CA PHE A 235 -15.37 -16.28 -17.67
C PHE A 235 -16.24 -15.26 -18.43
N GLU A 236 -17.52 -15.21 -18.08
CA GLU A 236 -18.46 -14.30 -18.76
C GLU A 236 -18.17 -12.86 -18.38
N LYS A 237 -17.52 -12.67 -17.23
CA LYS A 237 -17.20 -11.34 -16.74
C LYS A 237 -15.94 -10.77 -17.40
N LEU A 238 -15.18 -11.64 -18.07
CA LEU A 238 -13.98 -11.22 -18.79
C LEU A 238 -14.34 -10.33 -19.97
N LYS A 239 -15.60 -10.39 -20.39
CA LYS A 239 -16.11 -9.54 -21.47
C LYS A 239 -16.11 -8.08 -21.01
N ASP A 240 -16.26 -7.89 -19.71
CA ASP A 240 -16.34 -6.56 -19.11
C ASP A 240 -14.95 -5.90 -19.09
N PRO A 241 -14.84 -4.72 -19.72
CA PRO A 241 -13.60 -3.92 -19.69
C PRO A 241 -13.32 -3.39 -18.28
N GLY A 242 -14.36 -3.20 -17.48
CA GLY A 242 -14.20 -2.73 -16.12
C GLY A 242 -13.42 -3.70 -15.25
N VAL A 243 -13.56 -4.99 -15.57
CA VAL A 243 -12.78 -6.02 -14.89
C VAL A 243 -11.30 -5.86 -15.23
N TRP A 244 -11.02 -5.71 -16.53
CA TRP A 244 -9.65 -5.53 -17.00
C TRP A 244 -9.05 -4.23 -16.46
N ILE A 245 -9.90 -3.28 -16.10
CA ILE A 245 -9.47 -2.03 -15.49
C ILE A 245 -9.20 -2.23 -14.00
N ALA A 246 -10.08 -2.98 -13.34
CA ALA A 246 -9.93 -3.31 -11.94
C ALA A 246 -8.68 -4.16 -11.72
N ALA A 247 -8.38 -5.02 -12.69
CA ALA A 247 -7.18 -5.84 -12.64
C ALA A 247 -5.95 -4.95 -12.71
N VAL A 248 -5.85 -4.15 -13.78
CA VAL A 248 -4.72 -3.26 -13.99
C VAL A 248 -4.51 -2.30 -12.80
N GLY A 249 -5.61 -1.78 -12.28
CA GLY A 249 -5.56 -0.93 -11.10
C GLY A 249 -5.02 -1.68 -9.89
N GLN A 250 -5.40 -2.94 -9.74
CA GLN A 250 -5.01 -3.75 -8.59
C GLN A 250 -3.51 -4.05 -8.58
N ILE A 251 -2.94 -4.38 -9.74
CA ILE A 251 -1.51 -4.65 -9.85
C ILE A 251 -0.72 -3.43 -9.39
N PHE A 252 -1.23 -2.27 -9.77
CA PHE A 252 -0.67 -0.99 -9.34
C PHE A 252 -0.78 -0.86 -7.82
N PHE A 253 -1.96 -1.12 -7.30
CA PHE A 253 -2.20 -1.07 -5.87
C PHE A 253 -1.38 -2.09 -5.09
N SER A 254 -1.32 -3.34 -5.56
CA SER A 254 -0.69 -4.40 -4.79
C SER A 254 0.85 -4.39 -4.84
N LEU A 255 1.41 -3.93 -5.95
CA LEU A 255 2.86 -3.82 -6.04
C LEU A 255 3.35 -2.51 -5.42
N GLY A 256 2.44 -1.55 -5.26
CA GLY A 256 2.79 -0.26 -4.70
C GLY A 256 3.55 0.60 -5.69
N LEU A 257 3.10 0.55 -6.94
CA LEU A 257 3.73 1.30 -8.01
C LEU A 257 3.23 2.74 -8.04
N GLY A 258 4.12 3.67 -8.35
CA GLY A 258 3.76 5.07 -8.49
C GLY A 258 3.65 5.83 -7.18
N PHE A 259 4.28 5.32 -6.14
CA PHE A 259 4.28 6.00 -4.85
C PHE A 259 5.66 6.61 -4.58
N GLY A 260 6.59 6.38 -5.50
CA GLY A 260 7.95 6.87 -5.35
C GLY A 260 8.66 6.25 -4.17
N VAL A 261 8.20 5.07 -3.75
CA VAL A 261 8.78 4.36 -2.62
C VAL A 261 9.75 3.29 -3.08
N LEU A 262 9.44 2.68 -4.23
CA LEU A 262 10.37 1.73 -4.82
C LEU A 262 11.62 2.47 -5.28
N ILE A 263 11.42 3.69 -5.77
CA ILE A 263 12.53 4.51 -6.24
C ILE A 263 13.43 4.92 -5.09
N THR A 264 12.82 5.37 -4.00
CA THR A 264 13.56 5.73 -2.79
C THR A 264 14.30 4.51 -2.22
N PHE A 265 13.63 3.36 -2.20
CA PHE A 265 14.22 2.15 -1.65
C PHE A 265 15.35 1.58 -2.53
N ALA A 266 15.16 1.61 -3.83
CA ALA A 266 16.17 1.09 -4.76
C ALA A 266 17.40 1.98 -4.82
N SER A 267 17.28 3.19 -4.28
CA SER A 267 18.40 4.13 -4.25
C SER A 267 19.40 3.79 -3.15
N TYR A 268 19.07 2.78 -2.35
CA TYR A 268 19.99 2.30 -1.33
C TYR A 268 20.63 0.98 -1.79
N VAL A 269 20.25 0.56 -2.99
CA VAL A 269 20.90 -0.55 -3.67
C VAL A 269 22.16 -0.01 -4.33
N ARG A 270 23.28 -0.70 -4.14
CA ARG A 270 24.56 -0.23 -4.69
C ARG A 270 24.55 -0.17 -6.22
N LYS A 271 25.45 0.63 -6.77
CA LYS A 271 25.45 0.97 -8.20
C LYS A 271 25.38 -0.23 -9.14
N ASP A 272 26.15 -1.27 -8.83
CA ASP A 272 26.27 -2.42 -9.74
C ASP A 272 25.60 -3.69 -9.20
N GLN A 273 24.79 -3.53 -8.16
CA GLN A 273 24.08 -4.66 -7.57
C GLN A 273 22.82 -4.99 -8.37
N ASP A 274 22.48 -6.28 -8.45
CA ASP A 274 21.34 -6.73 -9.23
C ASP A 274 20.03 -6.12 -8.76
N ILE A 275 19.21 -5.72 -9.72
CA ILE A 275 17.88 -5.20 -9.41
C ILE A 275 16.81 -6.02 -10.13
N VAL A 276 17.20 -6.68 -11.21
CA VAL A 276 16.26 -7.42 -12.05
C VAL A 276 15.68 -8.62 -11.30
N LEU A 277 16.56 -9.48 -10.81
CA LEU A 277 16.15 -10.70 -10.13
C LEU A 277 15.61 -10.40 -8.74
N SER A 278 16.33 -9.56 -8.01
CA SER A 278 15.95 -9.18 -6.66
C SER A 278 14.56 -8.54 -6.63
N GLY A 279 14.27 -7.73 -7.64
CA GLY A 279 12.96 -7.12 -7.77
C GLY A 279 11.91 -8.15 -8.11
N LEU A 280 12.22 -9.01 -9.08
CA LEU A 280 11.30 -10.03 -9.53
C LEU A 280 10.89 -10.97 -8.40
N THR A 281 11.80 -11.16 -7.45
CA THR A 281 11.55 -12.00 -6.28
C THR A 281 10.61 -11.32 -5.31
N ALA A 282 10.89 -10.05 -5.02
CA ALA A 282 10.10 -9.27 -4.09
C ALA A 282 8.68 -9.11 -4.60
N ALA A 283 8.57 -8.98 -5.92
CA ALA A 283 7.27 -8.89 -6.58
C ALA A 283 6.53 -10.22 -6.45
N THR A 284 7.27 -11.31 -6.55
CA THR A 284 6.67 -12.64 -6.48
C THR A 284 6.21 -12.95 -5.06
N LEU A 285 7.02 -12.54 -4.08
CA LEU A 285 6.67 -12.70 -2.67
C LEU A 285 5.32 -12.06 -2.38
N ASN A 286 5.12 -10.85 -2.91
CA ASN A 286 3.87 -10.13 -2.73
C ASN A 286 2.67 -10.88 -3.30
N GLU A 287 2.83 -11.39 -4.53
CA GLU A 287 1.73 -12.06 -5.21
C GLU A 287 1.37 -13.39 -4.55
N LYS A 288 2.39 -14.14 -4.15
CA LYS A 288 2.18 -15.40 -3.43
C LYS A 288 1.39 -15.13 -2.16
N ALA A 289 1.77 -14.05 -1.47
CA ALA A 289 1.08 -13.65 -0.24
C ALA A 289 -0.41 -13.42 -0.48
N SER A 290 -0.74 -12.82 -1.62
CA SER A 290 -2.13 -12.55 -1.93
C SER A 290 -2.93 -13.81 -2.25
N VAL A 291 -2.56 -14.49 -3.33
CA VAL A 291 -3.36 -15.61 -3.83
C VAL A 291 -3.43 -16.81 -2.87
N ILE A 292 -2.34 -17.08 -2.16
CA ILE A 292 -2.26 -18.26 -1.30
C ILE A 292 -2.78 -17.99 0.10
N LEU A 293 -2.19 -17.01 0.77
CA LEU A 293 -2.56 -16.71 2.15
C LEU A 293 -3.79 -15.80 2.22
N GLY A 294 -3.77 -14.72 1.45
CA GLY A 294 -4.82 -13.70 1.53
C GLY A 294 -6.21 -14.18 1.16
N GLY A 295 -6.30 -15.01 0.13
CA GLY A 295 -7.59 -15.50 -0.35
C GLY A 295 -8.01 -16.79 0.33
N SER A 296 -7.31 -17.15 1.41
CA SER A 296 -7.62 -18.37 2.14
C SER A 296 -8.08 -18.05 3.55
N ILE A 297 -8.00 -16.77 3.92
CA ILE A 297 -8.34 -16.36 5.28
C ILE A 297 -9.64 -15.57 5.34
N SER A 298 -9.66 -14.41 4.70
CA SER A 298 -10.80 -13.51 4.79
C SER A 298 -12.07 -14.13 4.19
N ILE A 299 -12.10 -14.25 2.88
CA ILE A 299 -13.28 -14.76 2.18
C ILE A 299 -13.80 -16.12 2.68
N PRO A 300 -12.91 -17.14 2.79
CA PRO A 300 -13.43 -18.42 3.28
C PRO A 300 -14.14 -18.32 4.63
N ALA A 301 -13.46 -17.77 5.63
CA ALA A 301 -14.04 -17.66 6.97
C ALA A 301 -15.35 -16.88 6.98
N ALA A 302 -15.50 -15.94 6.05
CA ALA A 302 -16.73 -15.18 5.94
C ALA A 302 -17.84 -16.01 5.32
N VAL A 303 -17.48 -16.86 4.36
CA VAL A 303 -18.45 -17.75 3.72
C VAL A 303 -18.77 -18.94 4.61
N ALA A 304 -17.76 -19.43 5.32
CA ALA A 304 -17.93 -20.57 6.23
C ALA A 304 -18.95 -20.27 7.32
N PHE A 305 -19.06 -19.00 7.70
CA PHE A 305 -19.94 -18.62 8.81
C PHE A 305 -21.31 -18.12 8.34
N PHE A 306 -21.32 -17.29 7.30
CA PHE A 306 -22.57 -16.72 6.81
C PHE A 306 -23.18 -17.51 5.66
N GLY A 307 -22.45 -18.51 5.17
CA GLY A 307 -22.95 -19.33 4.08
C GLY A 307 -22.56 -18.77 2.73
N VAL A 308 -22.55 -19.62 1.71
CA VAL A 308 -22.22 -19.22 0.35
C VAL A 308 -23.36 -18.36 -0.22
N ALA A 309 -24.51 -18.39 0.45
CA ALA A 309 -25.67 -17.61 0.06
C ALA A 309 -25.41 -16.11 0.19
N ASN A 310 -24.66 -15.73 1.21
CA ASN A 310 -24.34 -14.33 1.45
C ASN A 310 -22.98 -13.95 0.90
N ALA A 311 -22.36 -14.88 0.16
CA ALA A 311 -21.01 -14.69 -0.36
C ALA A 311 -20.90 -13.52 -1.32
N VAL A 312 -22.01 -13.20 -1.99
CA VAL A 312 -22.07 -12.04 -2.87
C VAL A 312 -22.28 -10.78 -2.03
N ALA A 313 -23.18 -10.86 -1.06
CA ALA A 313 -23.49 -9.75 -0.18
C ALA A 313 -22.29 -9.35 0.69
N ILE A 314 -21.47 -10.33 1.05
CA ILE A 314 -20.28 -10.09 1.85
C ILE A 314 -19.21 -9.39 1.02
N ALA A 315 -19.01 -9.85 -0.20
CA ALA A 315 -18.03 -9.28 -1.11
C ALA A 315 -18.40 -7.85 -1.53
N LYS A 316 -19.69 -7.59 -1.66
CA LYS A 316 -20.18 -6.27 -2.01
C LYS A 316 -20.18 -5.32 -0.81
N ALA A 317 -20.01 -5.87 0.39
CA ALA A 317 -20.01 -5.07 1.61
C ALA A 317 -18.72 -4.25 1.77
N GLY A 318 -17.77 -4.49 0.88
CA GLY A 318 -16.51 -3.75 0.91
C GLY A 318 -15.41 -4.54 1.58
N ALA A 319 -14.16 -4.15 1.30
CA ALA A 319 -13.00 -4.82 1.89
C ALA A 319 -12.78 -4.36 3.33
N PHE A 320 -13.35 -3.21 3.67
CA PHE A 320 -13.17 -2.63 5.00
C PHE A 320 -14.07 -3.30 6.04
N ASN A 321 -15.33 -3.51 5.68
CA ASN A 321 -16.27 -4.20 6.56
C ASN A 321 -15.79 -5.61 6.86
N LEU A 322 -15.21 -6.23 5.85
CA LEU A 322 -14.77 -7.61 5.94
C LEU A 322 -13.72 -7.75 7.03
N GLY A 323 -12.77 -6.82 7.06
CA GLY A 323 -11.65 -6.90 8.00
C GLY A 323 -11.89 -6.27 9.34
N PHE A 324 -12.85 -5.36 9.42
CA PHE A 324 -13.03 -4.56 10.63
C PHE A 324 -14.38 -4.74 11.34
N ILE A 325 -15.35 -5.31 10.63
CA ILE A 325 -16.65 -5.59 11.22
C ILE A 325 -17.01 -7.06 11.12
N THR A 326 -16.90 -7.62 9.91
CA THR A 326 -17.29 -9.00 9.68
C THR A 326 -16.40 -9.98 10.44
N LEU A 327 -15.13 -10.07 10.05
CA LEU A 327 -14.19 -11.01 10.67
C LEU A 327 -14.05 -10.92 12.20
N PRO A 328 -14.15 -9.71 12.78
CA PRO A 328 -14.18 -9.74 14.25
C PRO A 328 -15.46 -10.41 14.77
N ALA A 329 -16.58 -10.17 14.08
CA ALA A 329 -17.86 -10.74 14.50
C ALA A 329 -17.85 -12.27 14.46
N ILE A 330 -17.08 -12.83 13.54
CA ILE A 330 -16.97 -14.27 13.39
C ILE A 330 -16.09 -14.89 14.46
N PHE A 331 -14.98 -14.22 14.77
CA PHE A 331 -14.06 -14.67 15.81
C PHE A 331 -14.72 -14.67 17.18
N SER A 332 -15.67 -13.76 17.40
CA SER A 332 -16.38 -13.72 18.66
C SER A 332 -17.28 -14.94 18.83
N GLN A 333 -17.48 -15.69 17.74
CA GLN A 333 -18.33 -16.86 17.75
C GLN A 333 -17.55 -18.18 17.71
N THR A 334 -16.24 -18.08 17.53
CA THR A 334 -15.40 -19.27 17.45
C THR A 334 -14.63 -19.53 18.74
N ALA A 335 -14.28 -20.80 18.95
CA ALA A 335 -13.53 -21.23 20.11
C ALA A 335 -12.22 -20.48 20.25
N GLY A 336 -12.09 -19.73 21.34
CA GLY A 336 -10.89 -18.95 21.61
C GLY A 336 -10.66 -17.84 20.62
N GLY A 337 -11.73 -17.39 19.98
CA GLY A 337 -11.64 -16.39 18.93
C GLY A 337 -11.19 -15.01 19.38
N THR A 338 -11.15 -14.77 20.69
CA THR A 338 -10.65 -13.51 21.21
C THR A 338 -9.17 -13.40 20.86
N PHE A 339 -8.49 -14.53 20.90
CA PHE A 339 -7.07 -14.59 20.57
C PHE A 339 -6.90 -14.64 19.07
N LEU A 340 -7.91 -15.18 18.37
CA LEU A 340 -7.92 -15.19 16.91
C LEU A 340 -8.00 -13.76 16.38
N GLY A 341 -8.81 -12.95 17.04
CA GLY A 341 -8.93 -11.55 16.68
C GLY A 341 -7.59 -10.89 16.83
N PHE A 342 -6.92 -11.18 17.95
CA PHE A 342 -5.62 -10.58 18.26
C PHE A 342 -4.59 -10.93 17.20
N LEU A 343 -4.60 -12.17 16.75
CA LEU A 343 -3.65 -12.59 15.72
C LEU A 343 -3.97 -11.90 14.41
N TRP A 344 -5.25 -11.91 14.07
CA TRP A 344 -5.71 -11.28 12.83
C TRP A 344 -5.26 -9.82 12.73
N PHE A 345 -5.53 -9.02 13.76
CA PHE A 345 -5.13 -7.63 13.76
C PHE A 345 -3.61 -7.42 13.91
N PHE A 346 -2.95 -8.31 14.64
CA PHE A 346 -1.49 -8.25 14.80
C PHE A 346 -0.79 -8.67 13.51
N LEU A 347 -1.51 -9.41 12.68
CA LEU A 347 -1.05 -9.72 11.33
C LEU A 347 -1.14 -8.47 10.47
N LEU A 348 -2.27 -7.77 10.59
CA LEU A 348 -2.52 -6.57 9.82
C LEU A 348 -1.60 -5.43 10.20
N PHE A 349 -1.33 -5.29 11.49
CA PHE A 349 -0.49 -4.22 12.00
C PHE A 349 0.91 -4.23 11.39
N PHE A 350 1.57 -5.38 11.43
CA PHE A 350 2.91 -5.52 10.86
C PHE A 350 2.88 -5.36 9.34
N ALA A 351 1.79 -5.83 8.73
CA ALA A 351 1.62 -5.71 7.28
C ALA A 351 1.65 -4.25 6.87
N GLY A 352 1.08 -3.40 7.71
CA GLY A 352 1.07 -1.97 7.46
C GLY A 352 2.31 -1.27 7.99
N LEU A 353 2.84 -1.78 9.11
CA LEU A 353 4.02 -1.17 9.70
C LEU A 353 5.22 -1.32 8.78
N THR A 354 5.24 -2.38 8.00
CA THR A 354 6.31 -2.59 7.03
C THR A 354 6.12 -1.73 5.80
N SER A 355 4.89 -1.24 5.60
CA SER A 355 4.58 -0.37 4.48
C SER A 355 4.71 1.10 4.87
N SER A 356 4.32 1.44 6.09
CA SER A 356 4.35 2.82 6.53
C SER A 356 5.76 3.34 6.68
N ILE A 357 6.64 2.55 7.29
CA ILE A 357 8.04 2.94 7.42
C ILE A 357 8.67 3.18 6.03
N ALA A 358 8.22 2.41 5.04
CA ALA A 358 8.79 2.42 3.69
C ALA A 358 8.51 3.74 2.94
N GLY A 359 7.30 4.25 3.09
CA GLY A 359 6.87 5.42 2.38
C GLY A 359 7.17 6.76 3.04
N MET A 360 7.38 6.74 4.36
CA MET A 360 7.83 7.93 5.06
C MET A 360 9.34 8.10 4.87
N GLN A 361 9.98 7.13 4.22
CA GLN A 361 11.41 7.22 3.96
C GLN A 361 11.66 8.24 2.85
N GLY A 362 10.71 8.36 1.94
CA GLY A 362 10.80 9.29 0.84
C GLY A 362 11.02 10.71 1.30
N MET A 363 10.29 11.12 2.33
CA MET A 363 10.43 12.46 2.89
C MET A 363 11.72 12.56 3.72
N ILE A 364 12.09 11.45 4.35
CA ILE A 364 13.34 11.38 5.10
C ILE A 364 14.53 11.45 4.16
N ALA A 365 14.45 10.74 3.04
CA ALA A 365 15.52 10.74 2.04
C ALA A 365 15.67 12.14 1.42
N PHE A 366 14.57 12.84 1.22
CA PHE A 366 14.60 14.18 0.65
C PHE A 366 15.34 15.16 1.54
N LEU A 367 14.96 15.22 2.81
CA LEU A 367 15.58 16.13 3.75
C LEU A 367 17.07 15.84 3.93
N GLU A 368 17.44 14.56 3.83
CA GLU A 368 18.83 14.15 4.00
C GLU A 368 19.67 14.49 2.78
N ASP A 369 19.16 14.15 1.60
CA ASP A 369 19.91 14.33 0.36
C ASP A 369 19.92 15.78 -0.12
N GLU A 370 18.75 16.41 -0.13
CA GLU A 370 18.61 17.71 -0.76
C GLU A 370 18.74 18.89 0.21
N LEU A 371 18.23 18.72 1.43
CA LEU A 371 18.33 19.78 2.43
C LEU A 371 19.43 19.51 3.44
N LYS A 372 20.14 18.40 3.24
CA LYS A 372 21.30 18.03 4.06
C LYS A 372 21.01 18.02 5.56
N LEU A 373 19.90 17.40 5.95
CA LEU A 373 19.58 17.22 7.36
C LEU A 373 20.16 15.90 7.84
N SER A 374 20.47 15.82 9.13
CA SER A 374 20.92 14.57 9.73
C SER A 374 19.77 13.59 9.74
N ARG A 375 20.06 12.32 9.98
CA ARG A 375 19.00 11.32 9.97
C ARG A 375 18.00 11.54 11.10
N LYS A 376 18.49 12.04 12.24
CA LYS A 376 17.63 12.30 13.38
C LYS A 376 16.59 13.36 13.07
N HIS A 377 17.06 14.49 12.54
CA HIS A 377 16.19 15.61 12.25
C HIS A 377 15.22 15.28 11.13
N ALA A 378 15.73 14.68 10.07
CA ALA A 378 14.91 14.34 8.91
C ALA A 378 13.73 13.45 9.30
N VAL A 379 13.96 12.58 10.28
CA VAL A 379 12.91 11.67 10.75
C VAL A 379 11.87 12.39 11.60
N LEU A 380 12.34 13.13 12.60
CA LEU A 380 11.47 13.84 13.53
C LEU A 380 10.58 14.87 12.82
N TRP A 381 11.16 15.59 11.86
CA TRP A 381 10.40 16.57 11.09
C TRP A 381 9.40 15.91 10.14
N THR A 382 9.73 14.71 9.66
CA THR A 382 8.81 13.95 8.83
C THR A 382 7.68 13.40 9.68
N ALA A 383 8.01 12.95 10.87
CA ALA A 383 7.01 12.51 11.83
C ALA A 383 6.09 13.67 12.22
N ALA A 384 6.71 14.84 12.44
CA ALA A 384 5.96 16.04 12.83
C ALA A 384 4.92 16.42 11.76
N ILE A 385 5.36 16.40 10.50
CA ILE A 385 4.47 16.69 9.37
C ILE A 385 3.32 15.69 9.28
N VAL A 386 3.65 14.40 9.26
CA VAL A 386 2.63 13.36 9.20
C VAL A 386 1.63 13.49 10.35
N PHE A 387 2.15 13.58 11.56
CA PHE A 387 1.31 13.70 12.76
C PHE A 387 0.30 14.84 12.67
N PHE A 388 0.78 16.01 12.23
CA PHE A 388 -0.09 17.16 12.07
C PHE A 388 -1.19 16.91 11.03
N SER A 389 -0.79 16.57 9.81
CA SER A 389 -1.73 16.36 8.71
C SER A 389 -2.76 15.28 9.00
N ALA A 390 -2.39 14.32 9.84
CA ALA A 390 -3.27 13.20 10.17
C ALA A 390 -4.48 13.65 10.97
N HIS A 391 -4.36 14.82 11.61
CA HIS A 391 -5.46 15.35 12.41
C HIS A 391 -6.67 15.70 11.54
N LEU A 392 -6.40 16.05 10.29
CA LEU A 392 -7.46 16.30 9.33
C LEU A 392 -8.25 15.02 9.06
N VAL A 393 -7.52 13.92 8.92
CA VAL A 393 -8.13 12.61 8.73
C VAL A 393 -8.87 12.16 9.99
N MET A 394 -8.23 12.30 11.14
CA MET A 394 -8.78 11.87 12.42
C MET A 394 -10.10 12.55 12.79
N PHE A 395 -10.23 13.82 12.46
CA PHE A 395 -11.38 14.61 12.93
C PHE A 395 -12.38 15.02 11.83
N LEU A 396 -11.88 15.34 10.65
CA LEU A 396 -12.78 15.70 9.55
C LEU A 396 -13.26 14.44 8.82
N ASN A 397 -14.54 14.16 8.93
CA ASN A 397 -15.15 13.02 8.26
C ASN A 397 -14.93 13.06 6.74
N LYS A 398 -14.65 11.91 6.16
CA LYS A 398 -14.41 11.77 4.72
C LYS A 398 -13.17 12.50 4.18
N SER A 399 -12.39 13.09 5.08
CA SER A 399 -11.12 13.68 4.70
C SER A 399 -10.20 12.58 4.18
N LEU A 400 -10.26 11.43 4.85
CA LEU A 400 -9.49 10.24 4.47
C LEU A 400 -9.73 9.90 3.02
N ASP A 401 -10.99 9.66 2.69
CA ASP A 401 -11.40 9.22 1.36
C ASP A 401 -10.95 10.20 0.27
N GLU A 402 -11.09 11.49 0.55
CA GLU A 402 -10.68 12.53 -0.39
C GLU A 402 -9.18 12.47 -0.67
N MET A 403 -8.39 12.35 0.40
CA MET A 403 -6.95 12.22 0.27
C MET A 403 -6.58 10.98 -0.52
N ASP A 404 -7.28 9.88 -0.23
CA ASP A 404 -7.00 8.60 -0.86
C ASP A 404 -7.40 8.62 -2.33
N PHE A 405 -8.43 9.39 -2.67
CA PHE A 405 -8.91 9.44 -4.04
C PHE A 405 -7.89 10.11 -4.96
N TRP A 406 -7.30 11.20 -4.48
CA TRP A 406 -6.37 11.97 -5.30
C TRP A 406 -5.00 11.32 -5.31
N ALA A 407 -4.48 11.02 -4.13
CA ALA A 407 -3.13 10.49 -4.00
C ALA A 407 -2.99 9.12 -4.63
N THR A 408 -3.94 8.23 -4.37
CA THR A 408 -3.84 6.84 -4.79
C THR A 408 -4.69 6.51 -6.02
N GLY A 409 -5.79 7.23 -6.20
CA GLY A 409 -6.67 6.98 -7.34
C GLY A 409 -6.04 7.33 -8.68
N ILE A 410 -5.60 8.58 -8.81
CA ILE A 410 -4.96 9.03 -10.04
C ILE A 410 -3.52 9.45 -9.81
N GLY A 411 -3.24 9.91 -8.59
CA GLY A 411 -1.90 10.36 -8.23
C GLY A 411 -0.82 9.38 -8.60
N VAL A 412 -1.01 8.11 -8.26
CA VAL A 412 -0.01 7.08 -8.53
C VAL A 412 -0.07 6.58 -9.98
N VAL A 413 -1.26 6.58 -10.56
CA VAL A 413 -1.43 6.15 -11.95
C VAL A 413 -0.84 7.19 -12.90
N PHE A 414 -1.07 8.46 -12.61
CA PHE A 414 -0.51 9.56 -13.38
C PHE A 414 1.00 9.65 -13.24
N PHE A 415 1.47 9.54 -12.00
CA PHE A 415 2.91 9.65 -11.73
C PHE A 415 3.65 8.43 -12.26
N GLY A 416 2.92 7.31 -12.40
CA GLY A 416 3.49 6.10 -12.96
C GLY A 416 3.80 6.27 -14.43
N LEU A 417 2.83 6.76 -15.18
CA LEU A 417 3.00 7.02 -16.61
C LEU A 417 4.02 8.12 -16.86
N THR A 418 4.12 9.05 -15.90
CA THR A 418 5.15 10.08 -15.96
C THR A 418 6.53 9.45 -15.87
N GLU A 419 6.66 8.47 -14.99
CA GLU A 419 7.93 7.75 -14.78
C GLU A 419 8.38 7.05 -16.05
N LEU A 420 7.42 6.49 -16.79
CA LEU A 420 7.71 5.82 -18.05
C LEU A 420 8.28 6.76 -19.09
N ILE A 421 7.57 7.86 -19.33
CA ILE A 421 7.93 8.81 -20.37
C ILE A 421 9.26 9.48 -20.09
N ILE A 422 9.50 9.82 -18.83
CA ILE A 422 10.74 10.46 -18.42
C ILE A 422 11.96 9.53 -18.59
N PHE A 423 11.84 8.30 -18.12
CA PHE A 423 12.94 7.35 -18.13
C PHE A 423 13.14 6.65 -19.47
N PHE A 424 12.04 6.27 -20.12
CA PHE A 424 12.12 5.46 -21.34
C PHE A 424 12.00 6.26 -22.64
N TRP A 425 11.29 7.39 -22.60
CA TRP A 425 11.15 8.20 -23.81
C TRP A 425 12.07 9.43 -23.79
N ILE A 426 12.05 10.17 -22.70
CA ILE A 426 12.85 11.38 -22.59
C ILE A 426 14.33 11.05 -22.38
N PHE A 427 14.62 10.29 -21.32
CA PHE A 427 15.99 9.89 -21.00
C PHE A 427 16.56 8.96 -22.06
N GLY A 428 15.69 8.40 -22.90
CA GLY A 428 16.10 7.48 -23.93
C GLY A 428 15.88 6.05 -23.49
N ALA A 429 15.32 5.24 -24.38
CA ALA A 429 15.01 3.85 -24.06
C ALA A 429 16.28 2.99 -23.93
N ASP A 430 17.21 3.18 -24.87
CA ASP A 430 18.45 2.40 -24.88
C ASP A 430 19.27 2.63 -23.61
N LYS A 431 19.45 3.90 -23.26
CA LYS A 431 20.19 4.25 -22.04
C LYS A 431 19.49 3.67 -20.81
N ALA A 432 18.16 3.64 -20.86
CA ALA A 432 17.36 3.15 -19.76
C ALA A 432 17.45 1.65 -19.63
N TRP A 433 17.33 0.96 -20.76
CA TRP A 433 17.35 -0.50 -20.79
C TRP A 433 18.65 -1.06 -20.23
N GLU A 434 19.76 -0.37 -20.52
CA GLU A 434 21.06 -0.76 -19.99
C GLU A 434 21.12 -0.49 -18.49
N GLU A 435 20.38 0.53 -18.05
CA GLU A 435 20.37 0.89 -16.64
C GLU A 435 19.63 -0.15 -15.82
N ILE A 436 18.62 -0.77 -16.43
CA ILE A 436 17.84 -1.81 -15.77
C ILE A 436 18.63 -3.12 -15.69
N ASN A 437 19.26 -3.49 -16.80
CA ASN A 437 19.92 -4.78 -16.93
C ASN A 437 21.33 -4.85 -16.33
N ARG A 438 21.93 -3.68 -16.10
CA ARG A 438 23.32 -3.61 -15.61
C ARG A 438 23.48 -4.20 -14.21
N GLY A 439 24.37 -5.18 -14.09
CA GLY A 439 24.66 -5.82 -12.82
C GLY A 439 23.67 -6.91 -12.47
N GLY A 440 22.70 -7.09 -13.36
CA GLY A 440 21.63 -8.04 -13.12
C GLY A 440 22.08 -9.48 -13.20
N ILE A 441 21.76 -10.26 -12.16
CA ILE A 441 22.09 -11.68 -12.13
C ILE A 441 21.49 -12.36 -13.35
N ILE A 442 20.24 -12.04 -13.63
CA ILE A 442 19.60 -12.44 -14.87
C ILE A 442 19.31 -11.19 -15.68
N LYS A 443 19.26 -11.35 -17.00
CA LYS A 443 18.95 -10.23 -17.88
C LYS A 443 17.46 -10.21 -18.18
N VAL A 444 16.92 -9.02 -18.41
CA VAL A 444 15.51 -8.89 -18.78
C VAL A 444 15.32 -9.43 -20.19
N PRO A 445 14.29 -10.27 -20.38
CA PRO A 445 13.93 -10.79 -21.70
C PRO A 445 13.85 -9.69 -22.74
N ARG A 446 14.36 -9.96 -23.93
CA ARG A 446 14.46 -8.96 -24.98
C ARG A 446 13.10 -8.41 -25.42
N ILE A 447 12.04 -9.17 -25.15
CA ILE A 447 10.68 -8.79 -25.53
C ILE A 447 10.16 -7.64 -24.66
N TYR A 448 10.69 -7.52 -23.45
CA TYR A 448 10.20 -6.52 -22.51
C TYR A 448 10.53 -5.09 -22.90
N TYR A 449 11.43 -4.94 -23.85
CA TYR A 449 11.81 -3.62 -24.36
C TYR A 449 10.61 -2.95 -25.05
N TYR A 450 9.80 -3.76 -25.73
CA TYR A 450 8.63 -3.25 -26.44
C TYR A 450 7.46 -3.06 -25.49
N VAL A 451 7.40 -3.92 -24.47
CA VAL A 451 6.37 -3.83 -23.44
C VAL A 451 6.53 -2.52 -22.69
N MET A 452 7.76 -2.22 -22.26
CA MET A 452 8.05 -1.03 -21.48
C MET A 452 7.88 0.26 -22.28
N ARG A 453 8.09 0.19 -23.59
CA ARG A 453 8.07 1.39 -24.42
C ARG A 453 6.69 1.71 -24.98
N TYR A 454 5.89 0.67 -25.25
CA TYR A 454 4.61 0.86 -25.91
C TYR A 454 3.43 0.30 -25.11
N ILE A 455 3.49 -1.00 -24.82
CA ILE A 455 2.37 -1.69 -24.20
C ILE A 455 2.03 -1.13 -22.82
N THR A 456 3.05 -1.00 -21.98
CA THR A 456 2.85 -0.48 -20.63
C THR A 456 2.30 0.96 -20.58
N PRO A 457 2.91 1.91 -21.33
CA PRO A 457 2.28 3.23 -21.32
C PRO A 457 0.90 3.25 -21.97
N ALA A 458 0.69 2.40 -22.98
CA ALA A 458 -0.63 2.28 -23.60
C ALA A 458 -1.67 1.84 -22.58
N PHE A 459 -1.32 0.82 -21.79
CA PHE A 459 -2.21 0.36 -20.72
C PHE A 459 -2.49 1.48 -19.72
N LEU A 460 -1.44 2.22 -19.38
CA LEU A 460 -1.56 3.29 -18.39
C LEU A 460 -2.36 4.47 -18.91
N ALA A 461 -2.15 4.79 -20.19
CA ALA A 461 -2.84 5.92 -20.81
C ALA A 461 -4.32 5.60 -21.01
N VAL A 462 -4.63 4.34 -21.27
CA VAL A 462 -6.01 3.91 -21.47
C VAL A 462 -6.58 3.30 -20.17
N LEU A 463 -5.85 3.44 -19.08
CA LEU A 463 -6.44 3.29 -17.76
C LEU A 463 -6.80 4.70 -17.32
N LEU A 464 -5.94 5.64 -17.71
CA LEU A 464 -6.12 7.04 -17.38
C LEU A 464 -7.42 7.57 -17.96
N VAL A 465 -7.63 7.35 -19.25
CA VAL A 465 -8.85 7.78 -19.93
C VAL A 465 -10.09 7.17 -19.30
N VAL A 466 -10.04 5.87 -18.98
CA VAL A 466 -11.14 5.21 -18.29
C VAL A 466 -11.34 5.79 -16.89
N TRP A 467 -10.22 6.13 -16.24
CA TRP A 467 -10.30 6.82 -14.97
C TRP A 467 -10.83 8.24 -15.19
N ALA A 468 -10.27 8.92 -16.19
CA ALA A 468 -10.54 10.34 -16.42
C ALA A 468 -12.00 10.70 -16.65
N ARG A 469 -12.83 9.70 -16.95
CA ARG A 469 -14.20 9.98 -17.37
C ARG A 469 -15.27 9.63 -16.34
N GLU A 470 -15.42 8.34 -16.03
CA GLU A 470 -16.43 7.92 -15.06
C GLU A 470 -16.04 8.35 -13.64
N TYR A 471 -14.75 8.27 -13.34
CA TYR A 471 -14.23 8.63 -12.02
C TYR A 471 -14.11 10.15 -11.84
N ILE A 472 -14.53 10.92 -12.85
CA ILE A 472 -14.32 12.38 -12.89
C ILE A 472 -14.62 13.09 -11.57
N THR A 479 -20.27 15.72 -3.87
CA THR A 479 -19.75 15.58 -2.52
C THR A 479 -20.02 16.83 -1.68
N HIS A 480 -19.97 16.66 -0.36
CA HIS A 480 -20.19 17.76 0.58
C HIS A 480 -19.10 18.83 0.41
N TRP A 481 -19.38 20.05 0.82
CA TRP A 481 -18.44 21.15 0.66
C TRP A 481 -17.16 20.95 1.48
N THR A 482 -17.21 20.07 2.47
CA THR A 482 -16.09 19.88 3.38
C THR A 482 -14.91 19.16 2.74
N VAL A 483 -15.09 18.71 1.50
CA VAL A 483 -14.01 18.09 0.75
C VAL A 483 -12.98 19.14 0.36
N TRP A 484 -13.42 20.39 0.29
CA TRP A 484 -12.53 21.47 -0.10
C TRP A 484 -11.46 21.73 0.97
N ILE A 485 -11.84 21.55 2.23
CA ILE A 485 -10.90 21.65 3.34
C ILE A 485 -9.73 20.69 3.12
N THR A 486 -10.04 19.49 2.67
CA THR A 486 -9.04 18.47 2.39
C THR A 486 -8.25 18.85 1.13
N ARG A 487 -8.97 19.25 0.08
CA ARG A 487 -8.34 19.75 -1.13
C ARG A 487 -7.44 20.95 -0.83
N PHE A 488 -7.95 21.85 0.02
CA PHE A 488 -7.17 23.00 0.46
C PHE A 488 -5.86 22.53 1.05
N TYR A 489 -5.93 21.56 1.95
CA TYR A 489 -4.74 21.10 2.64
C TYR A 489 -3.75 20.37 1.73
N ILE A 490 -4.25 19.42 0.96
CA ILE A 490 -3.36 18.63 0.12
C ILE A 490 -2.73 19.45 -0.99
N ILE A 491 -3.43 20.49 -1.45
CA ILE A 491 -2.83 21.42 -2.40
C ILE A 491 -1.75 22.23 -1.70
N GLY A 492 -2.04 22.65 -0.47
CA GLY A 492 -1.08 23.39 0.34
C GLY A 492 0.21 22.63 0.55
N LEU A 493 0.07 21.31 0.70
CA LEU A 493 1.23 20.43 0.85
C LEU A 493 2.11 20.48 -0.40
N PHE A 494 1.49 20.39 -1.57
CA PHE A 494 2.23 20.42 -2.82
C PHE A 494 3.03 21.72 -2.93
N LEU A 495 2.39 22.85 -2.62
CA LEU A 495 3.04 24.15 -2.64
C LEU A 495 4.21 24.17 -1.66
N PHE A 496 3.99 23.63 -0.47
CA PHE A 496 5.04 23.55 0.55
C PHE A 496 6.24 22.75 0.07
N LEU A 497 5.97 21.62 -0.57
CA LEU A 497 7.04 20.76 -1.05
C LEU A 497 7.74 21.41 -2.24
N THR A 498 6.98 22.13 -3.05
CA THR A 498 7.54 22.86 -4.18
C THR A 498 8.54 23.89 -3.66
N PHE A 499 8.19 24.49 -2.53
CA PHE A 499 9.06 25.47 -1.89
C PHE A 499 10.35 24.84 -1.35
N LEU A 500 10.26 23.65 -0.76
CA LEU A 500 11.45 22.98 -0.25
C LEU A 500 12.38 22.58 -1.39
N VAL A 501 11.80 22.17 -2.51
CA VAL A 501 12.56 21.85 -3.71
C VAL A 501 13.28 23.11 -4.17
N PHE A 502 12.56 24.23 -4.14
CA PHE A 502 13.13 25.53 -4.47
C PHE A 502 14.30 25.84 -3.53
N LEU A 503 14.09 25.69 -2.24
CA LEU A 503 15.15 25.92 -1.25
C LEU A 503 16.29 24.94 -1.44
N ALA A 504 15.95 23.73 -1.90
CA ALA A 504 16.96 22.70 -2.12
C ALA A 504 17.93 23.07 -3.24
N GLU A 505 17.42 23.73 -4.28
CA GLU A 505 18.25 24.09 -5.42
C GLU A 505 18.96 25.42 -5.20
N ARG A 506 18.48 26.20 -4.25
CA ARG A 506 19.12 27.47 -3.93
C ARG A 506 20.29 27.26 -2.97
N ARG A 507 20.24 26.17 -2.22
CA ARG A 507 21.30 25.84 -1.28
C ARG A 507 22.49 25.23 -2.02
N ARG A 508 22.23 24.73 -3.22
CA ARG A 508 23.25 24.05 -4.02
C ARG A 508 24.06 25.03 -4.87
N ASN A 509 23.45 26.14 -5.26
CA ASN A 509 24.14 27.18 -6.04
C ASN A 509 25.14 27.95 -5.19
N HIS A 510 24.89 28.02 -3.88
CA HIS A 510 25.78 28.70 -2.95
C HIS A 510 27.05 27.89 -2.71
N GLU A 511 26.89 26.57 -2.54
CA GLU A 511 28.02 25.68 -2.30
C GLU A 511 28.52 25.06 -3.61
#